data_5L2D
#
_entry.id   5L2D
#
_cell.length_a   173.929
_cell.length_b   173.929
_cell.length_c   104.071
_cell.angle_alpha   90.00
_cell.angle_beta   90.00
_cell.angle_gamma   120.00
#
_symmetry.space_group_name_H-M   'P 62 2 2'
#
loop_
_entity.id
_entity.type
_entity.pdbx_description
1 polymer 'Surface-associated protein CshA'
2 water water
#
_entity_poly.entity_id   1
_entity_poly.type   'polypeptide(L)'
_entity_poly.pdbx_seq_one_letter_code
;MAHHHHHHSSGLEVLFQGPMWVDFSDTASMKNLDPQGGFKVGTVFKKEISPGYVVTLTVTELKPFNSTEIYKKRVEGTPT
ANTYDPNAINSYLKGYKDYGKTPPSVTGRPQNKFSTIGGQGFDTQGRKTQIILPDDAVNWGIKFKVEATYRGNPVKPSVV
MADGEDANPAEYGIFTTNGEGWEYVGEWMKGPRAKGPYTVMTEDMVKAFDKTRKDGLLILKDKSVDWSKYLSPDTVTGGL
GSQVFGPIISASKAVPVVMTRGASEVGFYVATGGQQALMMGFLVVDSSDAPASYGEAYHTIGTRDSIANTPINQPYLGST
AADIDADSESDWTADDRE
;
_entity_poly.pdbx_strand_id   A,B,C,D
#
# COMPACT_ATOMS: atom_id res chain seq x y z
N PRO A 19 -21.21 -26.40 4.25
CA PRO A 19 -20.07 -25.45 4.34
C PRO A 19 -19.05 -25.59 3.21
N MET A 20 -19.28 -24.88 2.11
CA MET A 20 -18.35 -24.84 0.98
C MET A 20 -17.12 -23.98 1.30
N TRP A 21 -15.97 -24.63 1.51
CA TRP A 21 -14.68 -23.93 1.70
C TRP A 21 -14.11 -23.44 0.41
N VAL A 22 -13.32 -22.42 0.48
CA VAL A 22 -12.89 -21.80 -0.72
C VAL A 22 -11.55 -22.38 -1.13
N ASP A 23 -11.51 -22.88 -2.36
CA ASP A 23 -10.29 -23.33 -2.97
C ASP A 23 -9.49 -22.16 -3.53
N PHE A 24 -8.62 -21.60 -2.73
CA PHE A 24 -7.85 -20.46 -3.16
C PHE A 24 -6.72 -20.85 -4.06
N SER A 25 -6.61 -22.12 -4.32
CA SER A 25 -5.57 -22.66 -5.16
C SER A 25 -6.02 -22.68 -6.59
N ASP A 26 -7.32 -22.85 -6.79
CA ASP A 26 -7.91 -22.91 -8.11
C ASP A 26 -7.83 -21.62 -8.89
N THR A 27 -6.69 -21.38 -9.51
CA THR A 27 -6.46 -20.19 -10.29
C THR A 27 -7.48 -19.89 -11.36
N ALA A 28 -8.30 -20.86 -11.70
CA ALA A 28 -9.29 -20.65 -12.73
C ALA A 28 -10.38 -19.77 -12.17
N SER A 29 -10.46 -19.68 -10.86
CA SER A 29 -11.48 -18.87 -10.24
C SER A 29 -10.90 -17.58 -9.78
N MET A 30 -9.58 -17.45 -9.82
CA MET A 30 -8.93 -16.23 -9.40
C MET A 30 -8.59 -15.30 -10.53
N LYS A 31 -8.56 -14.04 -10.22
CA LYS A 31 -8.21 -13.01 -11.19
C LYS A 31 -7.48 -11.89 -10.50
N ASN A 32 -6.61 -11.23 -11.24
CA ASN A 32 -5.88 -10.10 -10.74
C ASN A 32 -4.86 -10.45 -9.60
N LEU A 33 -4.18 -11.58 -9.77
CA LEU A 33 -3.11 -11.99 -8.88
C LEU A 33 -1.89 -11.16 -9.12
N ASP A 34 -1.05 -11.10 -8.12
CA ASP A 34 0.12 -10.25 -8.17
C ASP A 34 1.27 -10.93 -8.93
N PRO A 35 2.41 -10.21 -9.09
CA PRO A 35 3.60 -10.73 -9.73
C PRO A 35 4.03 -12.09 -9.21
N GLN A 36 3.98 -12.27 -7.89
CA GLN A 36 4.38 -13.54 -7.25
C GLN A 36 3.30 -14.58 -7.23
N GLY A 37 2.19 -14.37 -7.94
CA GLY A 37 1.04 -15.28 -7.90
C GLY A 37 0.22 -15.24 -6.61
N GLY A 38 0.52 -14.28 -5.75
CA GLY A 38 -0.23 -14.12 -4.52
C GLY A 38 -1.25 -13.00 -4.61
N PHE A 39 -1.68 -12.53 -3.45
CA PHE A 39 -2.84 -11.65 -3.33
C PHE A 39 -2.39 -10.25 -3.13
N LYS A 40 -3.04 -9.33 -3.81
CA LYS A 40 -2.82 -7.91 -3.61
C LYS A 40 -4.16 -7.26 -3.57
N VAL A 41 -4.16 -5.95 -3.36
CA VAL A 41 -5.42 -5.25 -3.33
C VAL A 41 -5.91 -5.32 -4.76
N GLY A 42 -7.14 -5.80 -4.93
CA GLY A 42 -7.81 -5.80 -6.21
C GLY A 42 -7.94 -7.18 -6.76
N THR A 43 -7.10 -8.09 -6.23
CA THR A 43 -7.21 -9.51 -6.47
C THR A 43 -8.57 -10.09 -6.04
N VAL A 44 -9.13 -10.98 -6.88
CA VAL A 44 -10.54 -11.40 -6.86
C VAL A 44 -10.68 -12.89 -7.03
N PHE A 45 -11.44 -13.49 -6.13
CA PHE A 45 -11.90 -14.88 -6.28
C PHE A 45 -13.38 -14.89 -6.62
N LYS A 46 -13.80 -15.60 -7.67
CA LYS A 46 -15.21 -15.60 -8.07
C LYS A 46 -15.61 -16.97 -8.57
N LYS A 47 -16.63 -17.56 -7.94
CA LYS A 47 -16.99 -18.94 -8.24
C LYS A 47 -18.43 -19.26 -7.96
N GLU A 48 -19.02 -20.08 -8.84
CA GLU A 48 -20.38 -20.54 -8.67
C GLU A 48 -20.35 -21.67 -7.63
N ILE A 49 -20.77 -21.36 -6.43
CA ILE A 49 -20.54 -22.25 -5.34
C ILE A 49 -21.60 -23.31 -5.26
N SER A 50 -22.73 -23.04 -5.88
CA SER A 50 -23.82 -23.98 -5.87
C SER A 50 -24.68 -23.49 -6.99
N PRO A 51 -25.69 -24.28 -7.43
CA PRO A 51 -26.50 -23.84 -8.59
C PRO A 51 -27.15 -22.49 -8.38
N GLY A 52 -26.85 -21.53 -9.27
CA GLY A 52 -27.35 -20.15 -9.22
C GLY A 52 -26.55 -19.16 -8.38
N TYR A 53 -25.72 -19.72 -7.51
CA TYR A 53 -25.13 -18.96 -6.42
C TYR A 53 -23.63 -18.61 -6.68
N VAL A 54 -23.34 -17.32 -6.82
CA VAL A 54 -22.01 -16.84 -7.09
C VAL A 54 -21.48 -15.96 -5.95
N VAL A 55 -20.27 -16.25 -5.47
CA VAL A 55 -19.64 -15.47 -4.40
C VAL A 55 -18.48 -14.83 -5.02
N THR A 56 -18.22 -13.61 -4.58
CA THR A 56 -17.09 -12.86 -5.08
C THR A 56 -16.35 -12.29 -3.87
N LEU A 57 -15.09 -12.68 -3.74
CA LEU A 57 -14.22 -12.17 -2.71
C LEU A 57 -13.17 -11.33 -3.37
N THR A 58 -13.05 -10.08 -2.91
CA THR A 58 -12.07 -9.15 -3.48
C THR A 58 -11.27 -8.52 -2.36
N VAL A 59 -9.94 -8.54 -2.48
CA VAL A 59 -9.08 -8.03 -1.40
C VAL A 59 -9.14 -6.54 -1.38
N THR A 60 -9.55 -5.96 -0.25
CA THR A 60 -9.59 -4.49 -0.19
C THR A 60 -8.43 -3.91 0.54
N GLU A 61 -7.69 -4.72 1.28
CA GLU A 61 -6.65 -4.19 2.15
C GLU A 61 -5.65 -5.25 2.60
N LEU A 62 -4.40 -4.83 2.69
CA LEU A 62 -3.34 -5.63 3.29
C LEU A 62 -2.61 -4.86 4.40
N LYS A 63 -3.19 -4.80 5.59
CA LYS A 63 -2.51 -4.18 6.70
C LYS A 63 -2.73 -5.01 7.94
N PRO A 64 -1.83 -4.87 8.92
CA PRO A 64 -1.89 -5.58 10.19
C PRO A 64 -2.80 -4.93 11.20
N PHE A 65 -3.07 -5.69 12.26
CA PHE A 65 -4.04 -5.35 13.28
C PHE A 65 -3.78 -4.06 13.97
N ASN A 66 -2.51 -3.71 14.16
CA ASN A 66 -2.21 -2.46 14.86
C ASN A 66 -2.56 -1.18 14.07
N SER A 67 -3.17 -1.36 12.88
CA SER A 67 -3.63 -0.25 12.05
C SER A 67 -5.12 -0.09 12.11
N THR A 68 -5.83 -0.94 12.86
CA THR A 68 -7.30 -0.95 12.82
C THR A 68 -7.98 -0.03 13.82
N GLU A 69 -9.23 0.31 13.53
CA GLU A 69 -10.01 1.15 14.44
C GLU A 69 -10.15 0.38 15.71
N ILE A 70 -10.34 -0.94 15.56
CA ILE A 70 -10.54 -1.83 16.71
C ILE A 70 -9.39 -1.72 17.67
N TYR A 71 -8.18 -1.84 17.12
CA TYR A 71 -6.97 -1.64 17.87
C TYR A 71 -6.93 -0.21 18.44
N LYS A 72 -7.16 0.79 17.59
CA LYS A 72 -7.15 2.15 18.04
C LYS A 72 -8.02 2.31 19.28
N LYS A 73 -9.26 1.79 19.29
CA LYS A 73 -10.18 2.03 20.43
C LYS A 73 -9.64 1.35 21.70
N ARG A 74 -8.96 0.21 21.52
CA ARG A 74 -8.44 -0.60 22.66
C ARG A 74 -7.29 0.09 23.38
N VAL A 75 -6.45 0.72 22.61
CA VAL A 75 -5.22 1.26 23.10
C VAL A 75 -5.39 2.75 23.50
N GLU A 76 -6.53 3.34 23.13
CA GLU A 76 -6.77 4.76 23.28
C GLU A 76 -6.91 5.10 24.74
N GLY A 77 -6.37 6.26 25.11
CA GLY A 77 -6.44 6.76 26.48
C GLY A 77 -5.73 5.85 27.46
N THR A 78 -4.59 5.31 27.03
CA THR A 78 -3.71 4.46 27.85
C THR A 78 -2.29 4.72 27.37
N PRO A 79 -1.30 4.49 28.19
CA PRO A 79 0.08 4.72 27.78
C PRO A 79 0.52 4.23 26.41
N THR A 80 -0.25 3.39 25.74
CA THR A 80 0.16 2.88 24.43
C THR A 80 -0.65 3.40 23.23
N ALA A 81 -1.53 4.39 23.45
CA ALA A 81 -2.26 5.06 22.37
C ALA A 81 -1.39 5.33 21.17
N ASN A 82 -0.25 5.99 21.42
CA ASN A 82 0.72 6.36 20.39
C ASN A 82 1.19 5.19 19.50
N THR A 83 0.92 3.96 19.95
CA THR A 83 1.30 2.78 19.21
C THR A 83 0.31 2.38 18.08
N TYR A 84 -0.88 2.98 18.07
CA TYR A 84 -1.77 2.86 16.90
C TYR A 84 -1.01 3.43 15.71
N ASP A 85 -0.87 2.66 14.63
CA ASP A 85 -0.21 3.16 13.42
C ASP A 85 -1.04 2.80 12.20
N PRO A 86 -1.79 3.78 11.69
CA PRO A 86 -2.75 3.55 10.61
C PRO A 86 -2.12 3.25 9.27
N ASN A 87 -0.84 3.60 9.15
CA ASN A 87 -0.06 3.30 7.96
C ASN A 87 0.88 2.13 8.10
N ALA A 88 0.69 1.31 9.13
CA ALA A 88 1.52 0.13 9.28
C ALA A 88 1.31 -0.73 8.07
N ILE A 89 2.36 -1.36 7.60
CA ILE A 89 2.17 -2.37 6.55
C ILE A 89 2.48 -3.75 7.10
N ASN A 90 2.17 -4.75 6.29
CA ASN A 90 2.44 -6.13 6.63
C ASN A 90 3.96 -6.27 6.69
N SER A 91 4.47 -6.71 7.84
CA SER A 91 5.90 -6.67 8.17
C SER A 91 6.44 -7.93 8.79
N TYR A 92 7.77 -8.08 8.76
CA TYR A 92 8.44 -8.96 9.73
C TYR A 92 8.45 -8.33 11.11
N LEU A 93 8.36 -9.16 12.15
CA LEU A 93 8.47 -8.72 13.56
C LEU A 93 9.86 -8.09 13.83
N LYS A 94 9.93 -6.99 14.56
CA LYS A 94 11.21 -6.25 14.71
C LYS A 94 12.22 -7.12 15.48
N GLY A 95 13.46 -7.14 15.01
CA GLY A 95 14.48 -8.04 15.56
C GLY A 95 14.26 -9.48 15.14
N TYR A 96 14.03 -9.67 13.87
CA TYR A 96 14.09 -10.98 13.25
C TYR A 96 14.95 -10.75 12.01
N LYS A 97 15.65 -11.80 11.62
CA LYS A 97 16.73 -11.68 10.62
C LYS A 97 16.37 -10.99 9.28
N ASP A 98 15.11 -11.01 8.89
CA ASP A 98 14.68 -10.30 7.67
C ASP A 98 13.93 -8.98 7.94
N TYR A 99 13.85 -8.55 9.18
CA TYR A 99 13.21 -7.27 9.42
C TYR A 99 13.70 -6.18 8.47
N GLY A 100 12.76 -5.54 7.77
CA GLY A 100 13.08 -4.50 6.77
C GLY A 100 13.07 -5.02 5.33
N LYS A 101 13.29 -6.32 5.18
CA LYS A 101 13.04 -6.98 3.92
C LYS A 101 11.49 -7.06 3.85
N THR A 102 10.97 -6.96 2.64
CA THR A 102 9.53 -7.04 2.41
C THR A 102 9.12 -8.51 2.32
N PRO A 103 8.14 -8.93 3.12
CA PRO A 103 7.83 -10.34 3.13
C PRO A 103 7.16 -10.78 1.84
N PRO A 104 7.01 -12.11 1.62
CA PRO A 104 6.31 -12.62 0.44
C PRO A 104 4.81 -12.36 0.46
N SER A 105 4.21 -12.34 -0.73
CA SER A 105 2.77 -12.10 -0.93
C SER A 105 1.97 -13.21 -0.23
N VAL A 106 0.79 -12.89 0.29
CA VAL A 106 -0.06 -13.96 0.85
C VAL A 106 -0.66 -14.73 -0.34
N THR A 107 -1.06 -16.00 -0.15
CA THR A 107 -1.45 -16.84 -1.28
C THR A 107 -2.05 -18.16 -0.86
N GLY A 108 -2.71 -18.81 -1.81
CA GLY A 108 -3.16 -20.18 -1.64
C GLY A 108 -2.17 -21.17 -2.24
N ARG A 109 -1.98 -21.02 -3.57
CA ARG A 109 -1.38 -22.03 -4.49
C ARG A 109 -0.47 -23.11 -3.89
N THR A 129 -6.39 -24.28 -0.78
CA THR A 129 -7.41 -24.71 0.19
C THR A 129 -7.29 -23.97 1.52
N GLN A 130 -6.56 -22.87 1.54
CA GLN A 130 -6.06 -22.30 2.77
C GLN A 130 -5.25 -21.11 2.34
N ILE A 131 -5.44 -19.97 2.95
CA ILE A 131 -4.64 -18.80 2.60
C ILE A 131 -3.64 -18.58 3.72
N ILE A 132 -2.41 -18.26 3.35
CA ILE A 132 -1.33 -18.18 4.32
C ILE A 132 -0.26 -17.28 3.76
N LEU A 133 0.40 -16.56 4.67
CA LEU A 133 1.57 -15.77 4.32
C LEU A 133 2.74 -16.65 4.66
N PRO A 134 3.46 -17.12 3.63
CA PRO A 134 4.42 -18.23 3.71
C PRO A 134 5.81 -17.84 4.24
N ASP A 135 5.89 -17.41 5.49
CA ASP A 135 7.18 -17.10 6.11
C ASP A 135 6.93 -16.72 7.56
N ASP A 136 7.89 -17.02 8.41
CA ASP A 136 7.74 -16.91 9.86
C ASP A 136 7.80 -15.46 10.31
N ALA A 137 7.29 -15.21 11.51
CA ALA A 137 7.60 -13.97 12.25
C ALA A 137 7.13 -12.70 11.55
N VAL A 138 5.82 -12.69 11.27
CA VAL A 138 5.17 -11.58 10.59
C VAL A 138 3.93 -11.12 11.37
N ASN A 139 3.72 -9.82 11.34
CA ASN A 139 2.50 -9.20 11.80
C ASN A 139 1.85 -8.75 10.52
N TRP A 140 0.84 -9.49 10.07
CA TRP A 140 0.09 -9.12 8.87
C TRP A 140 -1.40 -9.07 9.11
N GLY A 141 -2.10 -8.69 8.04
CA GLY A 141 -3.54 -8.79 7.96
C GLY A 141 -4.10 -8.55 6.56
N ILE A 142 -5.33 -9.02 6.37
CA ILE A 142 -6.02 -8.92 5.11
C ILE A 142 -7.54 -8.64 5.30
N LYS A 143 -8.13 -7.83 4.41
CA LYS A 143 -9.57 -7.66 4.38
C LYS A 143 -10.10 -7.96 3.01
N PHE A 144 -11.27 -8.57 3.04
CA PHE A 144 -11.99 -8.90 1.84
C PHE A 144 -13.34 -8.22 1.77
N LYS A 145 -13.71 -7.79 0.56
CA LYS A 145 -15.09 -7.45 0.22
C LYS A 145 -15.79 -8.72 -0.06
N VAL A 146 -17.02 -8.87 0.39
CA VAL A 146 -17.80 -10.10 0.19
C VAL A 146 -19.14 -9.82 -0.49
N GLU A 147 -19.39 -10.54 -1.57
CA GLU A 147 -20.59 -10.37 -2.35
C GLU A 147 -21.10 -11.73 -2.72
N ALA A 148 -22.40 -11.78 -2.92
CA ALA A 148 -23.04 -13.02 -3.25
C ALA A 148 -24.32 -12.75 -4.03
N THR A 149 -24.58 -13.66 -4.97
CA THR A 149 -25.61 -13.52 -5.97
C THR A 149 -26.42 -14.78 -6.04
N TYR A 150 -27.70 -14.64 -6.26
CA TYR A 150 -28.50 -15.78 -6.60
C TYR A 150 -29.29 -15.41 -7.86
N ARG A 151 -29.10 -16.24 -8.89
CA ARG A 151 -29.73 -16.04 -10.20
C ARG A 151 -29.53 -14.60 -10.67
N GLY A 152 -28.39 -14.04 -10.33
CA GLY A 152 -28.05 -12.72 -10.75
C GLY A 152 -28.44 -11.63 -9.77
N ASN A 153 -29.17 -11.92 -8.71
CA ASN A 153 -29.53 -10.87 -7.74
C ASN A 153 -28.75 -10.89 -6.43
N PRO A 154 -28.34 -9.71 -5.95
CA PRO A 154 -27.61 -9.66 -4.67
C PRO A 154 -28.32 -10.39 -3.59
N VAL A 155 -27.58 -11.09 -2.74
CA VAL A 155 -28.15 -11.73 -1.53
C VAL A 155 -27.20 -11.60 -0.32
N LYS A 156 -27.75 -11.87 0.88
CA LYS A 156 -27.01 -11.73 2.16
C LYS A 156 -26.18 -12.98 2.41
N PRO A 157 -24.83 -12.90 2.21
CA PRO A 157 -23.93 -14.04 2.41
C PRO A 157 -23.68 -14.41 3.87
N SER A 158 -23.58 -15.71 4.10
CA SER A 158 -23.12 -16.25 5.39
C SER A 158 -21.69 -16.81 5.31
N VAL A 159 -20.75 -16.20 6.01
CA VAL A 159 -19.37 -16.58 5.90
C VAL A 159 -18.86 -17.27 7.13
N VAL A 160 -18.11 -18.37 6.96
CA VAL A 160 -17.45 -19.06 8.08
C VAL A 160 -15.96 -18.94 7.93
N MET A 161 -15.25 -18.90 9.05
CA MET A 161 -13.81 -18.77 9.05
C MET A 161 -13.17 -19.62 10.14
N ALA A 162 -11.92 -19.97 9.94
CA ALA A 162 -11.16 -20.76 10.93
C ALA A 162 -9.66 -20.66 10.67
N ASP A 163 -8.86 -20.78 11.73
CA ASP A 163 -7.39 -20.86 11.56
C ASP A 163 -7.01 -22.32 11.30
N GLY A 164 -6.34 -22.57 10.17
CA GLY A 164 -5.89 -23.93 9.81
C GLY A 164 -4.76 -24.44 10.70
N GLU A 165 -3.66 -23.68 10.77
CA GLU A 165 -2.57 -23.94 11.74
C GLU A 165 -3.01 -23.98 13.22
N ASP A 166 -2.10 -24.42 14.09
CA ASP A 166 -2.29 -24.48 15.54
C ASP A 166 -1.60 -23.27 16.11
N ALA A 167 -1.87 -22.98 17.39
CA ALA A 167 -1.31 -21.79 18.00
C ALA A 167 -1.08 -21.97 19.47
N ASN A 168 0.07 -21.51 19.93
CA ASN A 168 0.36 -21.45 21.32
C ASN A 168 0.18 -20.01 21.70
N PRO A 169 0.34 -19.71 22.97
CA PRO A 169 0.27 -18.32 23.32
C PRO A 169 1.19 -17.48 22.47
N ALA A 170 0.84 -16.20 22.36
CA ALA A 170 1.51 -15.24 21.52
C ALA A 170 1.62 -15.64 20.04
N GLU A 171 0.81 -16.61 19.60
CA GLU A 171 0.62 -16.88 18.17
C GLU A 171 -0.81 -16.45 17.86
N TYR A 172 -0.93 -15.18 17.44
CA TYR A 172 -2.19 -14.41 17.54
C TYR A 172 -3.03 -14.49 16.24
N GLY A 173 -4.26 -15.01 16.31
CA GLY A 173 -5.13 -15.12 15.13
C GLY A 173 -6.50 -14.52 15.36
N ILE A 174 -6.77 -13.38 14.73
CA ILE A 174 -8.04 -12.63 14.94
C ILE A 174 -8.93 -12.54 13.69
N PHE A 175 -10.23 -12.71 13.88
CA PHE A 175 -11.17 -12.59 12.80
C PHE A 175 -12.12 -11.38 13.01
N THR A 176 -12.24 -10.51 12.03
CA THR A 176 -13.19 -9.40 12.09
C THR A 176 -14.30 -9.49 11.04
N THR A 177 -15.47 -8.96 11.38
CA THR A 177 -16.59 -8.90 10.45
C THR A 177 -17.26 -7.53 10.56
N ASN A 178 -18.06 -7.19 9.56
CA ASN A 178 -18.96 -6.01 9.64
C ASN A 178 -20.42 -6.39 9.58
N GLY A 179 -20.68 -7.70 9.64
CA GLY A 179 -22.02 -8.27 9.59
C GLY A 179 -22.43 -8.65 10.99
N GLU A 180 -23.33 -9.61 11.10
CA GLU A 180 -23.83 -10.04 12.42
C GLU A 180 -22.72 -10.67 13.21
N GLY A 181 -22.86 -10.61 14.53
CA GLY A 181 -21.83 -11.11 15.46
C GLY A 181 -21.52 -12.60 15.30
N TRP A 182 -20.29 -12.95 15.66
CA TRP A 182 -19.81 -14.29 15.38
C TRP A 182 -20.60 -15.37 16.16
N GLU A 183 -21.05 -16.42 15.49
CA GLU A 183 -21.60 -17.60 16.18
C GLU A 183 -20.71 -18.84 15.93
N TYR A 184 -20.65 -19.72 16.92
CA TYR A 184 -19.80 -20.90 16.86
C TYR A 184 -20.64 -21.90 16.12
N VAL A 185 -20.13 -22.56 15.12
CA VAL A 185 -20.97 -23.54 14.44
C VAL A 185 -20.44 -24.96 14.51
N GLY A 186 -19.43 -25.22 15.32
CA GLY A 186 -18.96 -26.56 15.48
C GLY A 186 -17.54 -26.60 15.03
N GLU A 187 -17.07 -27.80 14.72
CA GLU A 187 -15.70 -28.01 14.23
C GLU A 187 -15.71 -28.78 12.92
N TRP A 188 -14.60 -28.69 12.20
CA TRP A 188 -14.45 -29.39 10.95
C TRP A 188 -13.29 -30.34 11.09
N MET A 189 -13.57 -31.66 10.95
CA MET A 189 -12.54 -32.72 10.94
C MET A 189 -12.49 -33.24 9.49
N LYS A 195 -13.13 -26.59 30.16
CA LYS A 195 -13.51 -27.73 29.33
C LYS A 195 -12.78 -27.54 28.02
N GLY A 196 -13.42 -26.70 27.19
CA GLY A 196 -13.09 -26.45 25.80
C GLY A 196 -14.13 -27.03 24.83
N PRO A 197 -14.32 -26.35 23.68
CA PRO A 197 -14.08 -26.87 22.31
C PRO A 197 -12.80 -26.19 21.81
N TYR A 198 -12.58 -25.01 22.37
CA TYR A 198 -11.41 -24.21 22.18
C TYR A 198 -11.26 -23.48 23.50
N THR A 199 -10.11 -22.83 23.72
CA THR A 199 -9.96 -22.00 24.89
C THR A 199 -9.36 -20.64 24.56
N VAL A 200 -9.73 -19.64 25.33
CA VAL A 200 -9.36 -18.29 25.00
C VAL A 200 -7.95 -17.94 25.49
N MET A 201 -7.15 -17.34 24.64
CA MET A 201 -5.81 -16.94 25.04
C MET A 201 -5.85 -15.73 25.95
N THR A 202 -5.06 -15.74 27.05
CA THR A 202 -4.98 -14.62 28.06
C THR A 202 -3.55 -14.16 28.32
N GLU A 203 -3.37 -13.04 29.05
CA GLU A 203 -2.02 -12.57 29.47
C GLU A 203 -1.44 -13.51 30.58
N ASP A 204 -2.26 -14.06 31.45
CA ASP A 204 -1.72 -14.95 32.44
C ASP A 204 -1.13 -16.10 31.67
N MET A 205 -1.81 -16.48 30.61
CA MET A 205 -1.43 -17.59 29.77
C MET A 205 -0.22 -17.31 28.92
N VAL A 206 0.03 -16.05 28.61
CA VAL A 206 1.15 -15.69 27.77
C VAL A 206 2.35 -15.41 28.60
N LYS A 207 2.13 -14.91 29.80
CA LYS A 207 3.26 -14.61 30.65
C LYS A 207 3.99 -15.90 30.90
N ALA A 208 3.26 -16.95 31.22
CA ALA A 208 3.88 -18.22 31.46
C ALA A 208 4.75 -18.57 30.28
N PHE A 209 4.12 -19.13 29.26
CA PHE A 209 4.78 -19.52 28.04
C PHE A 209 5.97 -18.65 27.66
N ASP A 210 6.00 -17.40 28.11
CA ASP A 210 7.13 -16.55 27.76
C ASP A 210 8.31 -17.04 28.55
N LYS A 211 8.07 -17.30 29.82
CA LYS A 211 9.10 -17.80 30.70
C LYS A 211 9.18 -19.27 30.39
N THR A 212 9.74 -19.60 29.26
CA THR A 212 9.82 -20.97 28.85
C THR A 212 10.67 -20.98 27.63
N ARG A 213 10.37 -20.07 26.73
CA ARG A 213 11.16 -19.99 25.53
C ARG A 213 12.60 -19.68 25.93
N LYS A 214 12.88 -19.71 27.23
CA LYS A 214 14.21 -19.43 27.69
C LYS A 214 14.83 -18.13 27.20
N ASP A 215 15.12 -18.09 25.91
CA ASP A 215 15.75 -16.94 25.29
C ASP A 215 14.78 -15.77 25.36
N GLY A 216 13.51 -16.06 25.62
CA GLY A 216 12.49 -15.03 25.68
C GLY A 216 11.67 -15.16 24.41
N LEU A 217 10.45 -14.64 24.39
CA LEU A 217 9.64 -14.75 23.20
C LEU A 217 9.89 -13.59 22.27
N LEU A 218 10.39 -13.91 21.10
CA LEU A 218 10.69 -12.89 20.11
C LEU A 218 9.62 -11.85 19.94
N ILE A 219 8.41 -12.31 19.65
CA ILE A 219 7.29 -11.43 19.42
C ILE A 219 7.11 -10.35 20.44
N LEU A 220 7.39 -10.64 21.68
CA LEU A 220 7.17 -9.66 22.71
C LEU A 220 8.25 -8.65 22.93
N LYS A 221 9.42 -8.86 22.34
CA LYS A 221 10.50 -7.92 22.53
C LYS A 221 10.01 -6.60 22.00
N ASP A 222 9.52 -6.64 20.78
CA ASP A 222 9.01 -5.47 20.08
C ASP A 222 7.95 -4.74 20.87
N LYS A 223 8.38 -3.81 21.70
CA LYS A 223 7.48 -3.06 22.54
C LYS A 223 6.85 -1.86 21.83
N SER A 224 6.92 -1.85 20.52
CA SER A 224 6.34 -0.77 19.73
C SER A 224 4.88 -1.05 19.47
N VAL A 225 4.45 -2.25 19.85
CA VAL A 225 3.09 -2.68 19.67
C VAL A 225 2.58 -3.29 20.96
N ASP A 226 1.38 -2.97 21.37
CA ASP A 226 0.86 -3.51 22.60
C ASP A 226 0.19 -4.82 22.38
N TRP A 227 0.96 -5.88 22.44
CA TRP A 227 0.43 -7.23 22.22
C TRP A 227 -0.59 -7.67 23.26
N SER A 228 -0.59 -7.01 24.41
CA SER A 228 -1.63 -7.26 25.38
C SER A 228 -2.99 -6.95 24.75
N LYS A 229 -3.00 -6.02 23.82
CA LYS A 229 -4.25 -5.58 23.25
C LYS A 229 -4.67 -6.36 22.03
N TYR A 230 -3.78 -7.23 21.49
CA TYR A 230 -4.17 -8.30 20.55
C TYR A 230 -5.07 -9.37 21.19
N LEU A 231 -4.95 -9.52 22.51
CA LEU A 231 -5.80 -10.50 23.23
C LEU A 231 -7.20 -10.02 23.20
N SER A 232 -8.17 -10.90 23.18
CA SER A 232 -9.52 -10.43 23.17
C SER A 232 -9.88 -10.04 24.56
N PRO A 233 -10.71 -8.94 24.66
CA PRO A 233 -11.06 -8.59 26.03
C PRO A 233 -12.23 -9.39 26.50
N ASP A 234 -12.74 -10.27 25.68
CA ASP A 234 -13.83 -11.10 26.09
C ASP A 234 -13.12 -12.30 26.59
N THR A 235 -13.01 -12.45 27.90
CA THR A 235 -12.30 -13.58 28.45
C THR A 235 -13.18 -14.78 28.61
N VAL A 236 -14.48 -14.57 28.61
CA VAL A 236 -15.38 -15.69 28.72
C VAL A 236 -15.27 -16.45 27.44
N THR A 237 -15.93 -15.97 26.40
CA THR A 237 -15.84 -16.59 25.10
C THR A 237 -14.79 -15.76 24.44
N GLY A 238 -14.42 -16.07 23.23
CA GLY A 238 -13.40 -15.27 22.57
C GLY A 238 -13.94 -14.15 21.73
N GLY A 239 -15.15 -13.74 22.04
CA GLY A 239 -15.81 -12.68 21.26
C GLY A 239 -17.05 -13.08 20.47
N LEU A 240 -17.72 -14.17 20.84
CA LEU A 240 -18.94 -14.54 20.16
C LEU A 240 -20.00 -13.54 20.56
N GLY A 241 -21.00 -13.38 19.69
CA GLY A 241 -21.93 -12.24 19.77
C GLY A 241 -21.38 -10.89 19.28
N SER A 242 -20.08 -10.83 19.02
CA SER A 242 -19.44 -9.62 18.61
C SER A 242 -18.85 -9.77 17.26
N GLN A 243 -18.20 -8.70 16.84
CA GLN A 243 -17.66 -8.60 15.53
C GLN A 243 -16.21 -8.96 15.48
N VAL A 244 -15.61 -9.22 16.62
CA VAL A 244 -14.22 -9.63 16.60
C VAL A 244 -13.99 -10.82 17.51
N PHE A 245 -13.63 -11.93 16.84
CA PHE A 245 -13.31 -13.19 17.48
C PHE A 245 -11.83 -13.29 17.66
N GLY A 246 -11.43 -12.92 18.89
CA GLY A 246 -10.09 -12.40 19.24
C GLY A 246 -9.42 -13.71 19.30
N PRO A 247 -8.11 -13.72 19.55
CA PRO A 247 -7.22 -14.89 19.48
C PRO A 247 -7.59 -16.07 20.42
N ILE A 248 -7.88 -17.24 19.84
CA ILE A 248 -7.99 -18.51 20.57
C ILE A 248 -6.75 -19.41 20.45
N ILE A 249 -6.78 -20.47 21.26
CA ILE A 249 -5.85 -21.60 21.21
C ILE A 249 -6.62 -22.90 20.88
N SER A 250 -6.11 -23.64 19.89
CA SER A 250 -6.83 -24.86 19.49
C SER A 250 -6.47 -26.02 20.42
N ALA A 251 -7.41 -26.96 20.53
CA ALA A 251 -7.28 -28.12 21.41
C ALA A 251 -6.13 -29.09 21.05
N SER A 252 -5.89 -30.03 21.96
CA SER A 252 -5.02 -31.17 21.71
C SER A 252 -5.87 -32.37 21.31
N PRO B 19 13.42 31.11 -4.30
CA PRO B 19 13.58 29.73 -4.85
C PRO B 19 14.34 28.78 -3.88
N MET B 20 13.70 28.45 -2.76
CA MET B 20 14.33 27.83 -1.56
C MET B 20 14.30 26.29 -1.49
N TRP B 21 15.33 25.60 -1.99
CA TRP B 21 15.30 24.14 -2.10
C TRP B 21 15.37 23.43 -0.75
N VAL B 22 14.91 22.20 -0.73
CA VAL B 22 14.77 21.44 0.49
C VAL B 22 15.82 20.36 0.49
N ASP B 23 16.59 20.24 1.59
CA ASP B 23 17.48 19.09 1.78
C ASP B 23 16.71 17.95 2.43
N PHE B 24 16.48 16.90 1.64
CA PHE B 24 15.78 15.76 2.16
C PHE B 24 16.76 14.81 2.78
N SER B 25 18.05 15.08 2.58
CA SER B 25 19.11 14.38 3.30
C SER B 25 19.05 14.66 4.82
N ASP B 26 18.75 15.89 5.24
CA ASP B 26 18.75 16.25 6.68
C ASP B 26 17.71 15.52 7.56
N THR B 27 18.18 14.65 8.44
CA THR B 27 17.28 13.84 9.27
C THR B 27 17.05 14.44 10.66
N ALA B 28 17.62 15.61 10.93
CA ALA B 28 17.11 16.45 12.05
C ALA B 28 15.65 16.84 11.76
N SER B 29 15.37 17.01 10.45
CA SER B 29 14.13 17.56 9.93
C SER B 29 13.14 16.51 9.41
N MET B 30 13.38 15.23 9.68
CA MET B 30 12.49 14.15 9.22
C MET B 30 11.96 13.30 10.36
N LYS B 31 10.73 12.84 10.23
CA LYS B 31 10.10 11.98 11.24
C LYS B 31 9.41 10.88 10.45
N ASN B 32 9.06 9.79 11.13
CA ASN B 32 8.54 8.52 10.54
C ASN B 32 9.16 7.98 9.28
N LEU B 33 10.49 7.98 9.20
CA LEU B 33 11.18 7.22 8.19
C LEU B 33 10.83 5.74 8.32
N ASP B 34 11.00 4.97 7.24
CA ASP B 34 10.73 3.53 7.29
C ASP B 34 11.97 2.73 7.73
N PRO B 35 11.85 1.39 7.77
CA PRO B 35 12.99 0.54 8.08
C PRO B 35 14.27 0.86 7.30
N GLN B 36 14.16 1.04 5.98
CA GLN B 36 15.36 1.36 5.17
C GLN B 36 15.76 2.82 5.30
N GLY B 37 15.11 3.58 6.21
CA GLY B 37 15.32 5.04 6.30
C GLY B 37 14.84 5.87 5.10
N GLY B 38 13.96 5.27 4.32
CA GLY B 38 13.35 5.96 3.21
C GLY B 38 11.95 6.36 3.62
N PHE B 39 11.13 6.67 2.62
CA PHE B 39 9.85 7.34 2.85
C PHE B 39 8.76 6.35 2.90
N LYS B 40 7.86 6.52 3.84
CA LYS B 40 6.58 5.84 3.80
C LYS B 40 5.43 6.83 3.89
N VAL B 41 4.24 6.35 3.57
CA VAL B 41 3.08 7.13 3.84
C VAL B 41 3.15 7.46 5.31
N GLY B 42 3.03 8.75 5.61
CA GLY B 42 3.14 9.25 6.97
C GLY B 42 4.48 9.89 7.29
N THR B 43 5.47 9.76 6.40
CA THR B 43 6.73 10.45 6.61
C THR B 43 6.51 11.95 6.49
N VAL B 44 7.20 12.72 7.33
CA VAL B 44 6.98 14.16 7.45
C VAL B 44 8.26 14.87 7.41
N PHE B 45 8.34 15.93 6.64
CA PHE B 45 9.47 16.82 6.71
C PHE B 45 8.98 18.15 7.27
N LYS B 46 9.55 18.63 8.38
CA LYS B 46 9.23 19.96 8.93
C LYS B 46 10.50 20.73 9.19
N LYS B 47 10.54 21.97 8.71
CA LYS B 47 11.75 22.79 8.77
C LYS B 47 11.42 24.27 8.60
N GLU B 48 12.07 25.12 9.38
CA GLU B 48 11.87 26.55 9.27
C GLU B 48 12.84 26.99 8.23
N ILE B 49 12.39 27.06 6.99
CA ILE B 49 13.27 27.33 5.89
C ILE B 49 13.64 28.74 5.65
N SER B 50 13.06 29.61 6.45
CA SER B 50 13.33 31.01 6.38
C SER B 50 12.78 31.48 7.67
N PRO B 51 13.16 32.75 8.04
CA PRO B 51 12.67 33.25 9.32
C PRO B 51 11.46 32.66 10.05
N GLY B 52 10.26 33.13 9.78
CA GLY B 52 9.12 32.59 10.47
C GLY B 52 8.30 31.66 9.62
N TYR B 53 8.88 31.22 8.52
CA TYR B 53 8.21 30.37 7.57
C TYR B 53 8.51 28.93 7.76
N VAL B 54 7.55 28.18 8.24
CA VAL B 54 7.70 26.76 8.47
C VAL B 54 6.87 25.93 7.52
N VAL B 55 7.52 24.98 6.87
CA VAL B 55 6.97 24.12 5.89
C VAL B 55 6.82 22.72 6.43
N THR B 56 5.72 22.05 6.07
CA THR B 56 5.47 20.67 6.46
C THR B 56 5.04 19.85 5.24
N LEU B 57 5.89 18.93 4.82
CA LEU B 57 5.54 17.92 3.80
C LEU B 57 5.26 16.56 4.39
N THR B 58 4.18 15.96 3.96
CA THR B 58 3.72 14.74 4.56
C THR B 58 3.37 13.84 3.40
N VAL B 59 3.98 12.66 3.34
CA VAL B 59 3.71 11.74 2.24
C VAL B 59 2.32 11.18 2.40
N THR B 60 1.48 11.26 1.35
CA THR B 60 0.13 10.66 1.46
C THR B 60 -0.07 9.42 0.60
N GLU B 61 0.55 9.36 -0.57
CA GLU B 61 0.47 8.16 -1.42
C GLU B 61 1.83 7.88 -1.99
N LEU B 62 2.18 6.61 -1.98
CA LEU B 62 3.23 6.02 -2.81
C LEU B 62 2.61 5.12 -3.90
N LYS B 63 2.21 5.70 -5.04
CA LYS B 63 1.51 4.99 -6.11
C LYS B 63 1.91 5.59 -7.44
N PRO B 64 1.86 4.79 -8.50
CA PRO B 64 2.30 5.32 -9.77
C PRO B 64 1.18 6.04 -10.52
N PHE B 65 1.55 6.68 -11.63
CA PHE B 65 0.65 7.58 -12.35
C PHE B 65 -0.60 6.94 -12.90
N ASN B 66 -0.48 5.67 -13.31
CA ASN B 66 -1.63 4.93 -13.85
C ASN B 66 -2.68 4.65 -12.78
N SER B 67 -2.40 5.02 -11.53
CA SER B 67 -3.34 4.86 -10.49
C SER B 67 -4.07 6.16 -10.20
N THR B 68 -3.83 7.24 -10.94
CA THR B 68 -4.40 8.56 -10.62
C THR B 68 -5.73 8.94 -11.30
N GLU B 69 -6.43 9.92 -10.74
CA GLU B 69 -7.61 10.45 -11.39
C GLU B 69 -7.16 10.98 -12.71
N ILE B 70 -6.03 11.68 -12.70
CA ILE B 70 -5.55 12.35 -13.89
C ILE B 70 -5.58 11.34 -15.00
N TYR B 71 -4.87 10.24 -14.79
CA TYR B 71 -4.79 9.19 -15.78
C TYR B 71 -6.15 8.62 -16.16
N LYS B 72 -6.98 8.43 -15.14
CA LYS B 72 -8.34 7.97 -15.34
C LYS B 72 -9.04 8.78 -16.43
N LYS B 73 -9.11 10.10 -16.25
CA LYS B 73 -9.79 11.01 -17.21
C LYS B 73 -9.26 10.84 -18.62
N ARG B 74 -7.98 10.56 -18.72
CA ARG B 74 -7.34 10.55 -20.01
C ARG B 74 -7.73 9.33 -20.81
N VAL B 75 -7.72 8.16 -20.18
CA VAL B 75 -8.09 6.89 -20.81
C VAL B 75 -9.60 6.63 -20.95
N GLU B 76 -10.38 7.29 -20.10
CA GLU B 76 -11.85 7.23 -20.10
C GLU B 76 -12.50 7.45 -21.47
N GLY B 77 -13.52 6.66 -21.74
CA GLY B 77 -14.21 6.76 -23.01
C GLY B 77 -13.34 6.29 -24.15
N THR B 78 -12.36 5.43 -23.86
CA THR B 78 -11.42 4.96 -24.90
C THR B 78 -11.13 3.50 -24.69
N PRO B 79 -10.51 2.86 -25.71
CA PRO B 79 -10.13 1.46 -25.61
C PRO B 79 -9.17 1.09 -24.51
N THR B 80 -8.52 2.06 -23.88
CA THR B 80 -7.56 1.67 -22.85
C THR B 80 -8.04 2.01 -21.46
N ALA B 81 -9.27 2.51 -21.36
CA ALA B 81 -9.91 2.69 -20.06
C ALA B 81 -9.65 1.54 -19.08
N ASN B 82 -9.64 0.32 -19.58
CA ASN B 82 -9.39 -0.82 -18.70
C ASN B 82 -8.04 -0.72 -17.98
N THR B 83 -7.19 0.15 -18.47
CA THR B 83 -5.80 0.19 -18.06
C THR B 83 -5.55 1.03 -16.78
N TYR B 84 -6.56 1.78 -16.38
CA TYR B 84 -6.53 2.54 -15.14
C TYR B 84 -6.60 1.58 -13.98
N ASP B 85 -5.52 1.48 -13.19
CA ASP B 85 -5.46 0.60 -12.01
C ASP B 85 -5.32 1.39 -10.71
N PRO B 86 -6.43 1.58 -9.98
CA PRO B 86 -6.38 2.39 -8.75
C PRO B 86 -5.61 1.76 -7.61
N ASN B 87 -5.25 0.48 -7.75
CA ASN B 87 -4.45 -0.22 -6.74
C ASN B 87 -3.03 -0.52 -7.17
N ALA B 88 -2.58 0.10 -8.25
CA ALA B 88 -1.23 -0.12 -8.71
C ALA B 88 -0.30 0.25 -7.58
N ILE B 89 0.84 -0.40 -7.51
CA ILE B 89 1.85 0.04 -6.54
C ILE B 89 3.07 0.45 -7.25
N ASN B 90 3.99 0.96 -6.45
CA ASN B 90 5.29 1.28 -6.97
C ASN B 90 6.00 -0.04 -7.15
N SER B 91 6.53 -0.23 -8.34
CA SER B 91 7.05 -1.52 -8.74
C SER B 91 7.99 -1.41 -9.93
N TYR B 92 8.58 -2.55 -10.31
CA TYR B 92 9.51 -2.59 -11.45
C TYR B 92 8.68 -2.70 -12.72
N LEU B 93 9.27 -2.36 -13.84
CA LEU B 93 8.58 -2.57 -15.12
C LEU B 93 8.49 -4.08 -15.48
N LYS B 94 7.38 -4.50 -16.10
CA LYS B 94 7.27 -5.87 -16.66
C LYS B 94 8.44 -6.06 -17.59
N GLY B 95 9.10 -7.20 -17.50
CA GLY B 95 10.22 -7.53 -18.40
C GLY B 95 11.59 -7.32 -17.78
N TYR B 96 11.69 -6.40 -16.83
CA TYR B 96 12.96 -6.10 -16.23
C TYR B 96 13.30 -7.26 -15.33
N LYS B 97 14.58 -7.53 -15.17
CA LYS B 97 14.98 -8.69 -14.39
C LYS B 97 14.34 -8.77 -13.04
N ASP B 98 14.33 -7.68 -12.26
CA ASP B 98 13.83 -7.76 -10.88
C ASP B 98 12.32 -7.64 -10.77
N TYR B 99 11.61 -7.74 -11.91
CA TYR B 99 10.14 -7.70 -11.91
C TYR B 99 9.48 -8.72 -11.01
N GLY B 100 8.74 -8.24 -10.02
CA GLY B 100 8.14 -9.10 -9.03
C GLY B 100 8.80 -8.88 -7.70
N LYS B 101 9.96 -8.25 -7.68
CA LYS B 101 10.57 -7.89 -6.42
C LYS B 101 10.06 -6.53 -5.98
N THR B 102 10.13 -6.32 -4.67
CA THR B 102 9.87 -5.03 -4.07
C THR B 102 11.09 -4.14 -4.24
N PRO B 103 10.87 -2.98 -4.87
CA PRO B 103 11.94 -2.01 -5.10
C PRO B 103 12.37 -1.40 -3.81
N PRO B 104 13.55 -0.81 -3.78
CA PRO B 104 13.95 -0.13 -2.59
C PRO B 104 13.07 1.13 -2.33
N SER B 105 13.09 1.60 -1.10
CA SER B 105 12.28 2.72 -0.73
C SER B 105 12.86 3.98 -1.31
N VAL B 106 11.93 4.88 -1.62
CA VAL B 106 12.20 6.25 -2.11
C VAL B 106 13.01 6.95 -1.04
N THR B 107 14.02 7.74 -1.42
CA THR B 107 14.87 8.30 -0.36
C THR B 107 15.53 9.60 -0.71
N GLY B 108 16.11 10.20 0.31
CA GLY B 108 16.93 11.39 0.15
C GLY B 108 18.37 11.03 -0.07
N ARG B 109 18.76 10.95 -1.34
CA ARG B 109 20.16 10.91 -1.72
C ARG B 109 20.47 12.23 -2.45
N PRO B 110 21.76 12.66 -2.46
CA PRO B 110 22.17 13.85 -3.27
C PRO B 110 21.94 13.70 -4.78
N THR B 129 19.23 16.37 -1.05
CA THR B 129 18.80 17.55 -1.82
C THR B 129 17.96 17.16 -3.01
N GLN B 130 17.52 15.91 -3.04
CA GLN B 130 16.91 15.35 -4.24
C GLN B 130 16.26 14.04 -3.85
N ILE B 131 15.06 13.77 -4.36
CA ILE B 131 14.29 12.63 -3.94
C ILE B 131 14.33 11.63 -5.04
N ILE B 132 14.69 10.41 -4.69
CA ILE B 132 15.00 9.41 -5.67
C ILE B 132 14.48 8.04 -5.21
N LEU B 133 13.98 7.26 -6.17
CA LEU B 133 13.81 5.83 -6.00
C LEU B 133 15.04 5.21 -6.64
N PRO B 134 15.97 4.63 -5.84
CA PRO B 134 17.36 4.41 -6.32
C PRO B 134 17.59 3.06 -7.05
N ASP B 135 16.97 2.90 -8.21
CA ASP B 135 17.06 1.71 -9.02
C ASP B 135 16.38 1.97 -10.38
N ASP B 136 16.74 1.15 -11.37
CA ASP B 136 16.30 1.42 -12.70
C ASP B 136 15.03 0.69 -12.97
N ALA B 137 14.40 1.06 -14.07
CA ALA B 137 13.26 0.34 -14.60
C ALA B 137 12.13 0.19 -13.59
N VAL B 138 11.69 1.37 -13.11
CA VAL B 138 10.54 1.47 -12.18
C VAL B 138 9.46 2.43 -12.66
N ASN B 139 8.21 2.02 -12.41
CA ASN B 139 7.01 2.84 -12.50
C ASN B 139 6.54 3.20 -11.08
N TRP B 140 6.83 4.42 -10.66
CA TRP B 140 6.51 4.89 -9.33
C TRP B 140 5.92 6.30 -9.26
N GLY B 141 5.61 6.72 -8.05
CA GLY B 141 5.01 8.02 -7.81
C GLY B 141 4.91 8.33 -6.35
N ILE B 142 4.80 9.62 -6.03
CA ILE B 142 4.73 10.05 -4.65
C ILE B 142 3.98 11.36 -4.54
N LYS B 143 3.03 11.42 -3.61
CA LYS B 143 2.20 12.59 -3.40
C LYS B 143 2.49 13.14 -2.01
N PHE B 144 2.59 14.45 -1.92
CA PHE B 144 2.74 15.14 -0.62
C PHE B 144 1.61 16.06 -0.24
N LYS B 145 1.25 16.05 1.03
CA LYS B 145 0.45 17.11 1.60
C LYS B 145 1.40 18.23 1.88
N VAL B 146 1.02 19.48 1.60
CA VAL B 146 1.90 20.64 1.73
C VAL B 146 1.20 21.73 2.56
N GLU B 147 1.72 21.97 3.75
CA GLU B 147 1.25 22.99 4.62
C GLU B 147 2.38 23.98 4.93
N ALA B 148 2.00 25.16 5.37
CA ALA B 148 2.97 26.20 5.71
C ALA B 148 2.45 27.15 6.78
N THR B 149 3.30 28.08 7.15
CA THR B 149 3.12 28.88 8.36
C THR B 149 3.98 30.10 8.24
N TYR B 150 3.40 31.27 8.44
CA TYR B 150 4.21 32.48 8.58
C TYR B 150 3.85 33.05 9.93
N ARG B 151 4.83 33.09 10.81
CA ARG B 151 4.69 33.71 12.11
C ARG B 151 3.56 33.04 12.84
N GLY B 152 3.48 31.72 12.73
CA GLY B 152 2.47 30.94 13.48
C GLY B 152 1.07 30.95 12.92
N ASN B 153 0.87 31.45 11.69
CA ASN B 153 -0.44 31.51 11.05
C ASN B 153 -0.45 30.69 9.75
N PRO B 154 -1.56 30.03 9.42
CA PRO B 154 -1.61 29.36 8.14
C PRO B 154 -1.38 30.30 7.02
N VAL B 155 -0.63 29.81 6.03
CA VAL B 155 -0.46 30.43 4.74
C VAL B 155 -0.45 29.31 3.67
N LYS B 156 -0.97 29.64 2.51
CA LYS B 156 -0.96 28.74 1.41
C LYS B 156 0.38 28.91 0.69
N PRO B 157 1.17 27.81 0.58
CA PRO B 157 2.52 27.85 0.02
C PRO B 157 2.57 27.79 -1.48
N SER B 158 3.69 28.28 -2.02
CA SER B 158 3.98 28.21 -3.44
C SER B 158 5.19 27.30 -3.69
N VAL B 159 5.01 26.28 -4.52
CA VAL B 159 5.97 25.19 -4.64
C VAL B 159 6.65 25.14 -6.01
N VAL B 160 7.95 24.87 -6.05
CA VAL B 160 8.68 24.72 -7.33
C VAL B 160 9.17 23.28 -7.44
N MET B 161 9.15 22.74 -8.65
CA MET B 161 9.60 21.38 -8.83
C MET B 161 10.41 21.29 -10.07
N ALA B 162 11.39 20.37 -10.08
CA ALA B 162 12.04 20.01 -11.34
C ALA B 162 12.63 18.60 -11.29
N ASP B 163 12.95 18.06 -12.45
CA ASP B 163 13.57 16.74 -12.56
C ASP B 163 15.06 16.97 -12.57
N GLY B 164 15.73 16.43 -11.56
CA GLY B 164 17.20 16.47 -11.43
C GLY B 164 17.98 15.70 -12.50
N GLU B 165 17.45 14.58 -12.98
CA GLU B 165 18.09 13.80 -14.05
C GLU B 165 17.57 14.20 -15.41
N ASP B 166 18.31 13.79 -16.43
CA ASP B 166 18.01 14.11 -17.82
C ASP B 166 17.09 13.03 -18.31
N ALA B 167 16.51 13.19 -19.51
CA ALA B 167 15.50 12.24 -19.97
C ALA B 167 15.38 12.14 -21.45
N ASN B 168 15.36 10.92 -21.93
CA ASN B 168 15.03 10.60 -23.29
C ASN B 168 13.60 10.29 -23.45
N PRO B 169 13.19 10.12 -24.72
CA PRO B 169 11.85 9.68 -24.91
C PRO B 169 11.63 8.35 -24.21
N ALA B 170 10.42 8.23 -23.67
CA ALA B 170 10.00 7.16 -22.82
C ALA B 170 10.71 7.10 -21.50
N GLU B 171 11.33 8.17 -21.08
CA GLU B 171 11.72 8.23 -19.70
C GLU B 171 10.89 9.38 -19.14
N TYR B 172 9.78 9.04 -18.48
CA TYR B 172 8.72 9.98 -18.14
C TYR B 172 8.80 10.59 -16.71
N GLY B 173 8.70 11.90 -16.63
CA GLY B 173 8.64 12.57 -15.33
C GLY B 173 7.49 13.54 -15.33
N ILE B 174 6.58 13.39 -14.36
CA ILE B 174 5.32 14.13 -14.37
C ILE B 174 5.05 14.80 -13.05
N PHE B 175 4.68 16.06 -13.09
CA PHE B 175 4.35 16.82 -11.88
C PHE B 175 2.90 17.22 -11.78
N THR B 176 2.29 16.99 -10.62
CA THR B 176 0.87 17.34 -10.41
C THR B 176 0.64 18.24 -9.21
N THR B 177 -0.34 19.13 -9.31
CA THR B 177 -0.71 20.07 -8.24
C THR B 177 -2.23 20.17 -8.18
N ASN B 178 -2.71 20.50 -7.00
CA ASN B 178 -4.11 20.82 -6.80
C ASN B 178 -4.26 22.34 -6.60
N GLY B 179 -3.23 23.11 -6.92
CA GLY B 179 -3.27 24.55 -6.82
C GLY B 179 -3.34 25.25 -8.18
N GLU B 180 -2.84 26.47 -8.25
CA GLU B 180 -2.84 27.19 -9.51
C GLU B 180 -1.95 26.56 -10.60
N GLY B 181 -2.42 26.63 -11.83
CA GLY B 181 -1.71 26.09 -12.95
C GLY B 181 -0.22 26.33 -12.90
N TRP B 182 0.54 25.38 -13.47
CA TRP B 182 1.99 25.40 -13.45
C TRP B 182 2.46 26.62 -14.19
N GLU B 183 3.48 27.30 -13.68
CA GLU B 183 4.08 28.48 -14.32
C GLU B 183 5.59 28.22 -14.57
N TYR B 184 6.09 28.49 -15.78
CA TYR B 184 7.55 28.35 -16.06
C TYR B 184 8.30 29.42 -15.36
N VAL B 185 9.27 29.07 -14.55
CA VAL B 185 9.96 30.04 -13.74
C VAL B 185 11.42 30.33 -14.20
N GLY B 186 11.95 29.60 -15.18
CA GLY B 186 13.35 29.66 -15.59
C GLY B 186 14.17 28.40 -15.29
N GLU B 187 15.45 28.47 -15.70
CA GLU B 187 16.44 27.36 -15.62
C GLU B 187 17.30 27.40 -14.35
N TRP B 188 17.54 26.26 -13.71
CA TRP B 188 18.48 26.22 -12.58
C TRP B 188 19.79 25.50 -12.93
N MET B 189 20.93 26.10 -12.51
CA MET B 189 22.33 25.53 -12.52
C MET B 189 23.32 26.33 -13.41
N LYS B 195 13.35 25.11 -30.41
CA LYS B 195 11.96 25.51 -30.20
C LYS B 195 11.92 26.59 -29.11
N GLY B 196 11.16 26.37 -28.02
CA GLY B 196 11.21 27.22 -26.78
C GLY B 196 12.33 26.81 -25.80
N PRO B 197 12.17 27.07 -24.49
CA PRO B 197 13.27 26.85 -23.51
C PRO B 197 13.41 25.44 -22.99
N TYR B 198 12.43 24.60 -23.26
CA TYR B 198 12.56 23.16 -23.03
C TYR B 198 11.79 22.49 -24.14
N THR B 199 11.98 21.20 -24.30
CA THR B 199 11.31 20.44 -25.33
C THR B 199 10.35 19.40 -24.74
N VAL B 200 9.15 19.35 -25.31
CA VAL B 200 8.11 18.56 -24.72
C VAL B 200 8.06 17.22 -25.39
N MET B 201 7.86 16.16 -24.61
CA MET B 201 7.89 14.83 -25.18
C MET B 201 6.65 14.56 -26.01
N THR B 202 6.82 14.01 -27.19
CA THR B 202 5.67 13.69 -28.04
C THR B 202 5.70 12.29 -28.48
N GLU B 203 4.53 11.78 -28.83
CA GLU B 203 4.44 10.43 -29.35
C GLU B 203 5.33 10.07 -30.56
N ASP B 204 5.50 10.99 -31.48
CA ASP B 204 6.35 10.71 -32.63
C ASP B 204 7.78 10.49 -32.14
N MET B 205 8.26 11.38 -31.29
CA MET B 205 9.55 11.18 -30.63
C MET B 205 9.59 9.79 -30.03
N VAL B 206 8.54 9.45 -29.31
CA VAL B 206 8.55 8.17 -28.65
C VAL B 206 8.62 7.06 -29.66
N LYS B 207 7.79 7.11 -30.73
CA LYS B 207 7.70 5.97 -31.71
C LYS B 207 9.05 5.78 -32.47
N ALA B 208 9.67 6.90 -32.87
CA ALA B 208 11.01 6.94 -33.50
C ALA B 208 12.11 6.34 -32.65
N PHE B 209 12.23 6.83 -31.43
CA PHE B 209 13.27 6.39 -30.53
C PHE B 209 13.16 4.92 -30.32
N ASP B 210 11.95 4.43 -30.29
CA ASP B 210 11.75 3.01 -30.17
C ASP B 210 12.28 2.21 -31.34
N LYS B 211 12.16 2.74 -32.57
CA LYS B 211 12.70 2.07 -33.78
C LYS B 211 14.23 1.96 -33.86
N THR B 212 14.93 2.71 -33.01
CA THR B 212 16.39 2.76 -33.05
C THR B 212 16.99 1.88 -31.98
N ARG B 213 16.26 0.84 -31.60
CA ARG B 213 16.70 -0.05 -30.53
C ARG B 213 16.51 -1.44 -31.05
N LYS B 214 17.44 -2.33 -30.73
CA LYS B 214 17.48 -3.63 -31.36
C LYS B 214 16.16 -4.35 -31.09
N ASP B 215 15.93 -4.67 -29.83
CA ASP B 215 14.70 -5.33 -29.49
C ASP B 215 13.66 -4.29 -28.97
N GLY B 216 13.71 -3.04 -29.44
CA GLY B 216 12.80 -1.96 -28.96
C GLY B 216 13.00 -1.55 -27.49
N LEU B 217 12.19 -0.59 -27.02
CA LEU B 217 12.30 -0.09 -25.63
C LEU B 217 11.59 -0.99 -24.66
N LEU B 218 12.26 -1.35 -23.56
CA LEU B 218 11.62 -2.20 -22.56
C LEU B 218 10.22 -1.67 -22.11
N ILE B 219 10.15 -0.39 -21.83
CA ILE B 219 9.00 0.13 -21.12
C ILE B 219 7.72 -0.07 -21.89
N LEU B 220 7.79 0.04 -23.22
CA LEU B 220 6.57 -0.05 -24.09
C LEU B 220 5.99 -1.47 -24.31
N LYS B 221 6.68 -2.50 -23.85
CA LYS B 221 6.21 -3.87 -24.02
C LYS B 221 4.92 -4.14 -23.25
N ASP B 222 4.85 -3.67 -22.02
CA ASP B 222 3.69 -3.86 -21.20
C ASP B 222 2.52 -3.06 -21.79
N LYS B 223 1.61 -3.77 -22.44
CA LYS B 223 0.42 -3.12 -22.97
C LYS B 223 -0.65 -2.98 -21.91
N SER B 224 -0.38 -3.46 -20.70
CA SER B 224 -1.35 -3.26 -19.61
C SER B 224 -1.34 -1.81 -19.10
N VAL B 225 -0.54 -0.94 -19.73
CA VAL B 225 -0.47 0.48 -19.41
C VAL B 225 -0.46 1.28 -20.69
N ASP B 226 -1.22 2.37 -20.74
CA ASP B 226 -1.25 3.20 -21.95
C ASP B 226 -0.25 4.34 -21.81
N TRP B 227 0.94 4.07 -22.34
CA TRP B 227 2.04 5.00 -22.23
C TRP B 227 1.85 6.23 -23.09
N SER B 228 0.99 6.17 -24.10
CA SER B 228 0.74 7.39 -24.87
C SER B 228 0.08 8.44 -23.97
N LYS B 229 -0.47 8.00 -22.84
CA LYS B 229 -1.24 8.90 -22.00
C LYS B 229 -0.50 9.36 -20.78
N TYR B 230 0.75 8.97 -20.68
CA TYR B 230 1.75 9.63 -19.83
C TYR B 230 2.24 10.93 -20.51
N LEU B 231 2.02 11.08 -21.82
CA LEU B 231 2.32 12.32 -22.50
C LEU B 231 1.36 13.45 -22.16
N SER B 232 1.86 14.67 -22.32
CA SER B 232 1.05 15.83 -22.15
C SER B 232 0.17 15.93 -23.36
N PRO B 233 -1.06 16.34 -23.12
CA PRO B 233 -1.97 16.76 -24.17
C PRO B 233 -1.55 18.08 -24.79
N ASP B 234 -0.64 18.80 -24.15
CA ASP B 234 -0.19 20.09 -24.65
C ASP B 234 1.27 19.94 -25.08
N THR B 235 1.47 19.64 -26.34
CA THR B 235 2.80 19.38 -26.81
C THR B 235 3.55 20.66 -27.03
N VAL B 236 2.91 21.80 -26.77
CA VAL B 236 3.58 23.08 -26.93
C VAL B 236 4.19 23.59 -25.61
N THR B 237 3.47 23.67 -24.51
CA THR B 237 4.15 24.01 -23.27
C THR B 237 4.31 22.83 -22.37
N GLY B 238 3.67 21.70 -22.67
CA GLY B 238 3.77 20.57 -21.75
C GLY B 238 2.92 20.74 -20.49
N GLY B 239 1.93 21.63 -20.54
CA GLY B 239 0.98 21.79 -19.43
C GLY B 239 1.06 23.06 -18.59
N LEU B 240 1.66 24.11 -19.09
CA LEU B 240 1.64 25.36 -18.35
C LEU B 240 0.21 25.86 -18.31
N GLY B 241 -0.18 26.56 -17.25
CA GLY B 241 -1.62 26.76 -16.96
C GLY B 241 -2.44 25.55 -16.44
N SER B 242 -2.05 24.30 -16.76
CA SER B 242 -2.79 23.10 -16.31
C SER B 242 -2.35 22.66 -14.94
N GLN B 243 -2.90 21.55 -14.48
CA GLN B 243 -2.42 21.03 -13.21
C GLN B 243 -1.37 19.99 -13.35
N VAL B 244 -0.93 19.73 -14.57
CA VAL B 244 -0.04 18.64 -14.85
C VAL B 244 1.10 19.08 -15.75
N PHE B 245 2.32 19.15 -15.20
CA PHE B 245 3.49 19.53 -16.05
C PHE B 245 4.18 18.26 -16.43
N GLY B 246 4.31 18.09 -17.73
CA GLY B 246 3.97 16.79 -18.37
C GLY B 246 5.32 16.41 -18.72
N PRO B 247 5.53 15.26 -19.32
CA PRO B 247 6.94 14.86 -19.55
C PRO B 247 7.74 15.73 -20.52
N ILE B 248 8.89 16.13 -20.04
CA ILE B 248 9.96 16.81 -20.80
C ILE B 248 10.94 15.83 -21.41
N ILE B 249 11.74 16.36 -22.33
CA ILE B 249 12.83 15.70 -22.99
C ILE B 249 13.98 16.61 -22.61
N SER B 250 15.16 16.08 -22.35
CA SER B 250 16.27 16.92 -21.97
C SER B 250 17.63 16.32 -22.14
N ALA B 251 18.55 17.09 -22.68
CA ALA B 251 19.90 16.60 -22.87
C ALA B 251 20.91 17.70 -23.03
N SER B 252 21.41 17.92 -24.24
CA SER B 252 22.40 18.95 -24.44
C SER B 252 22.20 19.75 -25.71
N LYS C 253 -6.84 -31.44 14.82
CA LYS C 253 -7.31 -31.58 13.40
C LYS C 253 -8.85 -31.50 13.29
N ALA C 254 -9.53 -31.45 14.44
CA ALA C 254 -10.89 -30.91 14.53
C ALA C 254 -10.83 -29.40 15.00
N VAL C 255 -11.02 -28.47 14.04
CA VAL C 255 -10.84 -27.03 14.31
C VAL C 255 -12.15 -26.29 14.50
N PRO C 256 -12.17 -25.36 15.48
CA PRO C 256 -13.36 -24.56 15.77
C PRO C 256 -13.67 -23.62 14.59
N VAL C 257 -14.95 -23.53 14.27
CA VAL C 257 -15.45 -22.74 13.16
C VAL C 257 -16.47 -21.70 13.62
N VAL C 258 -16.23 -20.45 13.26
CA VAL C 258 -17.22 -19.41 13.55
C VAL C 258 -17.83 -18.82 12.28
N MET C 259 -19.06 -18.36 12.37
CA MET C 259 -19.69 -17.68 11.23
C MET C 259 -20.26 -16.33 11.56
N THR C 260 -20.28 -15.47 10.51
CA THR C 260 -20.92 -14.16 10.53
C THR C 260 -21.91 -14.10 9.37
N ARG C 261 -23.16 -13.73 9.67
CA ARG C 261 -24.18 -13.49 8.61
C ARG C 261 -24.31 -12.00 8.23
N GLY C 262 -24.53 -11.79 6.94
CA GLY C 262 -24.74 -10.47 6.45
C GLY C 262 -23.49 -9.63 6.43
N ALA C 263 -22.35 -10.20 6.12
CA ALA C 263 -21.19 -9.38 6.11
C ALA C 263 -20.93 -9.01 4.70
N SER C 264 -20.54 -7.77 4.49
CA SER C 264 -19.98 -7.36 3.20
C SER C 264 -18.46 -7.09 3.28
N GLU C 265 -17.89 -7.14 4.49
CA GLU C 265 -16.44 -7.03 4.70
C GLU C 265 -15.99 -7.88 5.90
N VAL C 266 -14.84 -8.50 5.73
CA VAL C 266 -14.41 -9.58 6.63
C VAL C 266 -12.91 -9.53 6.67
N GLY C 267 -12.32 -9.65 7.85
CA GLY C 267 -10.86 -9.52 7.97
C GLY C 267 -10.19 -10.62 8.80
N PHE C 268 -8.89 -10.82 8.54
CA PHE C 268 -8.08 -11.80 9.25
C PHE C 268 -6.77 -11.17 9.58
N TYR C 269 -6.41 -11.23 10.87
CA TYR C 269 -5.16 -10.64 11.32
C TYR C 269 -4.33 -11.69 12.10
N VAL C 270 -3.05 -11.74 11.76
CA VAL C 270 -2.10 -12.66 12.32
C VAL C 270 -0.85 -11.89 12.74
N ALA C 271 -0.38 -12.23 13.94
CA ALA C 271 1.01 -11.94 14.37
C ALA C 271 1.52 -13.19 15.13
N THR C 272 2.64 -13.72 14.65
CA THR C 272 3.16 -14.98 15.16
C THR C 272 4.64 -15.12 14.90
N GLY C 273 5.34 -15.63 15.91
CA GLY C 273 6.71 -16.14 15.75
C GLY C 273 6.81 -17.20 14.68
N GLY C 274 5.78 -18.04 14.54
CA GLY C 274 5.72 -19.06 13.48
C GLY C 274 4.90 -18.61 12.27
N GLN C 275 3.82 -19.34 11.99
CA GLN C 275 2.94 -19.09 10.86
C GLN C 275 1.51 -19.53 11.16
N GLN C 276 0.52 -18.71 10.79
CA GLN C 276 -0.89 -19.16 10.85
C GLN C 276 -1.44 -19.09 9.46
N ALA C 277 -2.68 -19.56 9.32
CA ALA C 277 -3.32 -19.70 8.04
C ALA C 277 -4.86 -19.61 8.15
N LEU C 278 -5.51 -19.24 7.05
CA LEU C 278 -6.94 -19.02 7.03
C LEU C 278 -7.67 -19.89 6.09
N MET C 279 -8.73 -20.48 6.59
CA MET C 279 -9.72 -21.08 5.76
C MET C 279 -10.99 -20.24 5.82
N MET C 280 -11.70 -20.16 4.70
CA MET C 280 -12.86 -19.34 4.57
C MET C 280 -13.88 -20.04 3.73
N GLY C 281 -15.15 -19.91 4.06
CA GLY C 281 -16.19 -20.56 3.29
C GLY C 281 -17.53 -19.88 3.48
N PHE C 282 -18.54 -20.43 2.80
CA PHE C 282 -19.90 -19.91 2.80
C PHE C 282 -20.92 -21.02 3.08
N LEU C 283 -22.03 -20.62 3.66
CA LEU C 283 -23.13 -21.51 3.92
C LEU C 283 -24.19 -21.06 2.96
N VAL C 284 -24.80 -21.99 2.27
CA VAL C 284 -25.82 -21.67 1.32
C VAL C 284 -27.09 -22.35 1.74
N VAL C 285 -28.09 -21.55 2.07
CA VAL C 285 -29.37 -22.06 2.51
C VAL C 285 -30.39 -22.14 1.38
N LYS D 253 23.98 22.65 -19.10
CA LYS D 253 24.22 23.27 -17.73
C LYS D 253 23.04 23.12 -16.70
N ALA D 254 21.79 22.96 -17.19
CA ALA D 254 20.59 23.37 -16.43
C ALA D 254 19.26 22.68 -16.74
N VAL D 255 18.34 22.78 -15.76
CA VAL D 255 16.98 22.21 -15.81
C VAL D 255 15.84 23.25 -15.71
N PRO D 256 14.72 23.01 -16.39
CA PRO D 256 13.62 23.95 -16.29
C PRO D 256 12.91 23.82 -14.95
N VAL D 257 12.44 24.94 -14.41
CA VAL D 257 11.75 24.92 -13.12
C VAL D 257 10.35 25.47 -13.20
N VAL D 258 9.39 24.80 -12.57
CA VAL D 258 8.00 25.22 -12.70
C VAL D 258 7.40 25.44 -11.33
N MET D 259 6.42 26.34 -11.19
CA MET D 259 5.78 26.48 -9.89
C MET D 259 4.30 26.55 -9.94
N THR D 260 3.72 26.18 -8.81
CA THR D 260 2.28 26.14 -8.64
C THR D 260 2.01 26.95 -7.42
N ARG D 261 1.14 27.96 -7.54
CA ARG D 261 0.78 28.74 -6.36
C ARG D 261 -0.37 28.13 -5.58
N GLY D 262 -0.25 28.19 -4.28
CA GLY D 262 -1.35 27.83 -3.41
C GLY D 262 -1.74 26.39 -3.44
N ALA D 263 -0.75 25.52 -3.43
CA ALA D 263 -1.02 24.11 -3.51
C ALA D 263 -0.99 23.53 -2.13
N SER D 264 -1.78 22.51 -1.90
CA SER D 264 -1.61 21.68 -0.73
C SER D 264 -1.57 20.16 -1.02
N GLU D 265 -1.73 19.78 -2.29
CA GLU D 265 -1.42 18.45 -2.75
C GLU D 265 -0.42 18.64 -3.87
N VAL D 266 0.64 17.89 -3.84
CA VAL D 266 1.62 17.97 -4.92
C VAL D 266 2.15 16.55 -5.21
N GLY D 267 2.31 16.22 -6.49
CA GLY D 267 2.62 14.83 -6.88
C GLY D 267 3.78 14.76 -7.81
N PHE D 268 4.55 13.67 -7.74
CA PHE D 268 5.67 13.43 -8.67
C PHE D 268 5.57 11.97 -9.15
N TYR D 269 5.62 11.78 -10.46
CA TYR D 269 5.41 10.47 -11.04
C TYR D 269 6.42 10.19 -12.12
N VAL D 270 6.98 8.99 -12.07
CA VAL D 270 8.10 8.62 -12.92
C VAL D 270 7.85 7.24 -13.46
N ALA D 271 8.10 7.03 -14.74
CA ALA D 271 8.23 5.65 -15.21
C ALA D 271 9.30 5.68 -16.26
N THR D 272 10.31 4.83 -16.07
CA THR D 272 11.54 4.96 -16.84
C THR D 272 12.41 3.74 -16.81
N GLY D 273 13.16 3.56 -17.89
CA GLY D 273 14.10 2.46 -18.00
C GLY D 273 15.32 2.75 -17.15
N GLY D 274 15.72 4.02 -17.15
CA GLY D 274 16.75 4.50 -16.26
C GLY D 274 16.24 5.02 -14.92
N GLN D 275 16.44 6.31 -14.69
CA GLN D 275 16.16 6.93 -13.42
C GLN D 275 15.89 8.42 -13.54
N GLN D 276 14.85 8.87 -12.84
CA GLN D 276 14.59 10.28 -12.71
C GLN D 276 14.60 10.63 -11.23
N ALA D 277 14.61 11.92 -10.93
CA ALA D 277 14.76 12.41 -9.55
C ALA D 277 14.14 13.77 -9.39
N LEU D 278 13.54 13.99 -8.23
CA LEU D 278 12.80 15.21 -7.97
C LEU D 278 13.57 16.20 -7.15
N MET D 279 13.58 17.44 -7.63
CA MET D 279 13.99 18.61 -6.85
C MET D 279 12.74 19.38 -6.45
N MET D 280 12.61 19.65 -5.16
CA MET D 280 11.46 20.36 -4.65
C MET D 280 11.83 21.54 -3.80
N GLY D 281 11.14 22.66 -3.98
CA GLY D 281 11.37 23.86 -3.16
C GLY D 281 10.18 24.82 -3.00
N PHE D 282 10.44 25.98 -2.40
CA PHE D 282 9.39 26.92 -2.00
C PHE D 282 9.67 28.37 -2.30
N LEU D 283 8.63 29.20 -2.33
CA LEU D 283 8.81 30.66 -2.38
C LEU D 283 8.29 31.24 -1.11
N VAL D 284 8.84 32.41 -0.75
CA VAL D 284 8.69 33.06 0.57
C VAL D 284 8.69 34.62 0.43
N VAL D 285 8.47 35.37 1.54
CA VAL D 285 8.54 36.89 1.59
C VAL D 285 9.09 37.55 0.31
#